data_4ILR
#
_entry.id   4ILR
#
_cell.length_a   58.362
_cell.length_b   58.362
_cell.length_c   470.998
_cell.angle_alpha   90.00
_cell.angle_beta   90.00
_cell.angle_gamma   120.00
#
_symmetry.space_group_name_H-M   'P 65 2 2'
#
_entity_poly.entity_id   1
_entity_poly.type   'polypeptide(L)'
_entity_poly.pdbx_seq_one_letter_code
;MPLIFKIGYNVIPLQDVILPTPSSKVLKYLIQSGKLIPSLKDLITSRDKYKPIFISHLGFNQRRIFQTNGNLKTITKGSR
LSSIIAFSTQANVLSEVADEGIFETVYGKFHIMIESIEIVEVEKLKEEVEKHMNDNIRVRFVSPTLLSSKVLLPPSLSER
YKKIHAGYSTLPSVGLIVAYAYNVYCNLIGKKEVEVRAFKFGILSNALSRIIGYDLHPVTVAIGEDSKGNLRKARGVMGW
IEFDIPDERLKRRALNYLLTSSYLGIGRSRGIGFGEIRLEFRKIEEKEG
;
_entity_poly.pdbx_strand_id   A
#
# COMPACT_ATOMS: atom_id res chain seq x y z
N MET A 1 -14.75 -11.51 6.95
CA MET A 1 -14.37 -12.67 7.76
C MET A 1 -12.93 -12.68 8.25
N PRO A 2 -11.96 -12.43 7.33
CA PRO A 2 -10.60 -12.64 7.83
C PRO A 2 -10.10 -11.41 8.58
N LEU A 3 -8.80 -11.37 8.80
CA LEU A 3 -8.20 -10.29 9.56
C LEU A 3 -6.89 -9.83 8.95
N ILE A 4 -6.43 -8.66 9.40
CA ILE A 4 -5.24 -8.04 8.87
C ILE A 4 -4.15 -7.99 9.94
N PHE A 5 -2.94 -8.32 9.51
CA PHE A 5 -1.74 -8.27 10.33
C PHE A 5 -0.83 -7.14 9.84
N LYS A 6 -0.41 -6.29 10.77
CA LYS A 6 0.51 -5.19 10.48
C LYS A 6 1.71 -5.30 11.42
N ILE A 7 2.82 -5.76 10.85
CA ILE A 7 4.05 -6.03 11.58
C ILE A 7 5.09 -4.93 11.39
N GLY A 8 5.47 -4.30 12.50
CA GLY A 8 6.49 -3.27 12.48
C GLY A 8 7.86 -3.79 12.87
N TYR A 9 8.76 -3.82 11.88
CA TYR A 9 10.13 -4.30 12.04
C TYR A 9 11.14 -3.17 12.24
N ASN A 10 12.11 -3.39 13.14
CA ASN A 10 13.33 -2.58 13.17
C ASN A 10 14.44 -3.34 12.49
N VAL A 11 14.91 -2.82 11.36
CA VAL A 11 15.99 -3.50 10.66
C VAL A 11 17.32 -2.82 10.95
N ILE A 12 18.36 -3.61 11.21
CA ILE A 12 19.72 -3.09 11.31
C ILE A 12 20.68 -3.88 10.41
N PRO A 13 21.41 -3.17 9.52
CA PRO A 13 22.49 -3.76 8.72
C PRO A 13 23.65 -4.18 9.62
N LEU A 14 24.42 -5.19 9.21
CA LEU A 14 25.50 -5.68 10.06
C LEU A 14 26.88 -5.29 9.50
N GLN A 15 26.87 -4.70 8.33
CA GLN A 15 28.08 -4.07 7.79
C GLN A 15 27.66 -2.85 7.00
N ASP A 16 28.57 -2.30 6.21
CA ASP A 16 28.18 -1.27 5.27
C ASP A 16 27.65 -1.95 4.02
N VAL A 17 26.38 -1.73 3.73
CA VAL A 17 25.74 -2.36 2.58
C VAL A 17 25.11 -1.29 1.67
N ILE A 18 25.12 -1.57 0.37
CA ILE A 18 24.51 -0.69 -0.62
C ILE A 18 23.07 -1.11 -0.92
N LEU A 19 22.10 -0.26 -0.56
CA LEU A 19 20.68 -0.61 -0.71
C LEU A 19 20.26 -0.81 -2.18
N PRO A 20 19.41 -1.81 -2.44
CA PRO A 20 18.95 -2.11 -3.79
C PRO A 20 17.69 -1.32 -4.15
N THR A 21 17.06 -1.64 -5.27
CA THR A 21 16.04 -0.75 -5.87
C THR A 21 14.70 -1.43 -6.20
N PRO A 22 13.65 -1.10 -5.43
CA PRO A 22 13.76 -0.16 -4.31
C PRO A 22 14.22 -0.85 -3.02
N SER A 23 14.15 -0.13 -1.91
CA SER A 23 14.55 -0.65 -0.61
C SER A 23 13.81 -1.93 -0.23
N SER A 24 12.48 -1.90 -0.29
CA SER A 24 11.63 -3.02 0.11
C SER A 24 12.11 -4.42 -0.32
N LYS A 25 12.72 -4.49 -1.50
CA LYS A 25 13.24 -5.72 -2.09
C LYS A 25 13.96 -6.64 -1.09
N VAL A 26 14.75 -6.04 -0.21
CA VAL A 26 15.55 -6.81 0.75
C VAL A 26 14.69 -7.77 1.56
N LEU A 27 13.54 -7.30 2.03
CA LEU A 27 12.65 -8.18 2.79
C LEU A 27 11.87 -9.11 1.85
N LYS A 28 11.58 -8.64 0.63
CA LYS A 28 10.86 -9.45 -0.36
C LYS A 28 11.63 -10.75 -0.60
N TYR A 29 12.93 -10.60 -0.83
CA TYR A 29 13.86 -11.73 -0.88
C TYR A 29 13.58 -12.70 0.27
N LEU A 30 13.62 -12.19 1.50
CA LEU A 30 13.44 -13.02 2.69
C LEU A 30 12.12 -13.77 2.71
N ILE A 31 11.10 -13.24 2.04
CA ILE A 31 9.81 -13.92 1.98
C ILE A 31 9.84 -15.02 0.93
N GLN A 32 10.47 -14.73 -0.20
CA GLN A 32 10.55 -15.71 -1.28
C GLN A 32 11.52 -16.82 -0.87
N SER A 33 12.54 -16.43 -0.11
CA SER A 33 13.47 -17.37 0.46
C SER A 33 12.82 -18.11 1.62
N GLY A 34 11.74 -17.53 2.15
CA GLY A 34 11.04 -18.12 3.28
C GLY A 34 11.82 -18.00 4.57
N LYS A 35 12.93 -17.26 4.54
CA LYS A 35 13.76 -17.06 5.73
C LYS A 35 12.95 -16.37 6.82
N LEU A 36 12.01 -15.54 6.40
CA LEU A 36 11.10 -14.86 7.32
C LEU A 36 9.67 -15.05 6.82
N ILE A 37 8.82 -15.66 7.65
CA ILE A 37 7.43 -15.92 7.29
C ILE A 37 7.30 -16.67 5.95
N PRO A 38 7.67 -17.96 5.92
CA PRO A 38 7.67 -18.72 4.65
C PRO A 38 6.28 -18.84 4.05
N SER A 39 5.28 -18.91 4.93
CA SER A 39 3.89 -19.05 4.52
C SER A 39 3.46 -18.04 3.47
N LEU A 40 3.97 -16.81 3.59
CA LEU A 40 3.59 -15.72 2.69
C LEU A 40 4.11 -15.89 1.27
N LYS A 41 5.02 -16.84 1.07
CA LYS A 41 5.63 -17.09 -0.23
C LYS A 41 4.59 -17.09 -1.35
N ASP A 42 3.63 -18.01 -1.24
CA ASP A 42 2.53 -18.11 -2.19
C ASP A 42 1.95 -16.77 -2.52
N LEU A 43 1.57 -16.07 -1.46
CA LEU A 43 0.82 -14.83 -1.59
C LEU A 43 1.70 -13.71 -2.16
N ILE A 44 3.03 -13.84 -2.05
CA ILE A 44 3.94 -12.92 -2.77
C ILE A 44 3.93 -13.20 -4.27
N THR A 45 3.94 -14.48 -4.64
CA THR A 45 4.08 -14.92 -6.01
C THR A 45 2.83 -14.57 -6.81
N SER A 46 1.70 -14.70 -6.13
CA SER A 46 0.40 -14.36 -6.67
C SER A 46 0.43 -13.01 -7.37
N ARG A 47 0.17 -13.04 -8.68
CA ARG A 47 0.11 -11.83 -9.49
C ARG A 47 -1.33 -11.36 -9.58
N ASP A 48 -2.19 -11.97 -8.77
CA ASP A 48 -3.59 -11.57 -8.68
C ASP A 48 -3.68 -10.09 -8.34
N LYS A 49 -4.56 -9.38 -9.04
CA LYS A 49 -4.71 -7.95 -8.83
C LYS A 49 -5.24 -7.68 -7.43
N TYR A 50 -4.75 -6.61 -6.81
CA TYR A 50 -5.18 -6.19 -5.47
C TYR A 50 -4.95 -7.26 -4.41
N LYS A 51 -3.80 -7.93 -4.47
CA LYS A 51 -3.45 -8.92 -3.45
C LYS A 51 -3.22 -8.21 -2.12
N PRO A 52 -3.53 -8.90 -1.00
CA PRO A 52 -3.39 -8.28 0.32
C PRO A 52 -1.99 -8.44 0.93
N ILE A 53 -0.96 -7.84 0.32
CA ILE A 53 0.35 -7.66 0.97
C ILE A 53 0.88 -6.24 0.81
N PHE A 54 1.90 -5.94 1.62
CA PHE A 54 2.52 -4.64 1.61
C PHE A 54 3.88 -4.75 2.29
N ILE A 55 4.93 -4.81 1.48
CA ILE A 55 6.29 -4.81 2.00
C ILE A 55 6.85 -3.41 1.83
N SER A 56 6.77 -2.59 2.88
CA SER A 56 7.11 -1.19 2.75
C SER A 56 8.58 -0.94 2.42
N HIS A 57 8.86 0.25 1.89
CA HIS A 57 10.22 0.70 1.69
C HIS A 57 10.89 0.79 3.06
N LEU A 58 12.23 0.74 3.08
CA LEU A 58 12.95 0.84 4.35
C LEU A 58 12.98 2.30 4.77
N GLY A 59 12.58 2.58 6.00
CA GLY A 59 12.45 3.94 6.48
C GLY A 59 13.51 4.37 7.47
N PHE A 60 14.32 5.34 7.07
CA PHE A 60 15.33 5.91 7.95
C PHE A 60 14.66 7.02 8.74
N ASN A 61 14.78 6.93 10.07
CA ASN A 61 14.29 7.96 10.97
C ASN A 61 12.78 8.13 10.87
N GLN A 62 12.34 8.97 9.94
CA GLN A 62 10.92 9.27 9.81
C GLN A 62 10.36 9.03 8.41
N ARG A 63 11.22 9.09 7.40
CA ARG A 63 10.74 9.05 6.03
C ARG A 63 11.33 7.91 5.18
N ARG A 64 10.55 7.43 4.22
CA ARG A 64 10.98 6.34 3.34
C ARG A 64 12.16 6.73 2.45
N ILE A 65 12.50 5.84 1.52
CA ILE A 65 13.69 6.04 0.68
C ILE A 65 13.47 5.67 -0.80
N PHE A 66 13.85 6.61 -1.67
CA PHE A 66 13.60 6.55 -3.11
C PHE A 66 14.80 7.22 -3.77
N GLN A 67 15.13 6.85 -5.01
CA GLN A 67 16.28 7.43 -5.73
C GLN A 67 16.33 8.97 -5.65
N LYS A 73 24.40 7.06 -1.32
CA LYS A 73 23.41 5.98 -1.37
C LYS A 73 23.87 4.75 -0.58
N THR A 74 24.93 4.90 0.20
CA THR A 74 25.46 3.83 1.02
C THR A 74 25.13 4.03 2.50
N ILE A 75 25.00 2.94 3.24
CA ILE A 75 24.43 2.98 4.59
C ILE A 75 25.40 2.46 5.64
N THR A 76 25.48 3.18 6.76
CA THR A 76 26.42 2.90 7.83
C THR A 76 26.29 1.48 8.38
N LYS A 77 27.22 1.14 9.27
CA LYS A 77 27.32 -0.23 9.74
C LYS A 77 26.10 -0.69 10.51
N GLY A 78 25.67 0.08 11.49
CA GLY A 78 24.58 -0.35 12.34
C GLY A 78 23.50 0.69 12.58
N SER A 79 23.08 1.37 11.52
CA SER A 79 22.05 2.39 11.65
C SER A 79 20.67 1.78 11.88
N ARG A 80 19.90 2.43 12.75
CA ARG A 80 18.58 1.96 13.14
C ARG A 80 17.51 2.27 12.09
N LEU A 81 17.12 1.24 11.35
CA LEU A 81 16.11 1.37 10.29
C LEU A 81 14.74 0.86 10.72
N SER A 82 13.72 1.28 9.97
CA SER A 82 12.35 0.87 10.25
C SER A 82 11.73 0.26 8.99
N SER A 83 10.69 -0.55 9.19
CA SER A 83 9.89 -1.10 8.08
C SER A 83 8.57 -1.64 8.59
N ILE A 84 7.64 -1.85 7.65
CA ILE A 84 6.33 -2.35 7.99
C ILE A 84 5.88 -3.32 6.91
N ILE A 85 5.53 -4.52 7.33
CA ILE A 85 4.93 -5.49 6.42
C ILE A 85 3.50 -5.74 6.88
N ALA A 86 2.54 -5.57 5.99
CA ALA A 86 1.16 -5.86 6.32
C ALA A 86 0.58 -6.86 5.33
N PHE A 87 -0.35 -7.69 5.79
CA PHE A 87 -0.96 -8.70 4.94
C PHE A 87 -2.15 -9.35 5.62
N SER A 88 -2.69 -10.38 4.99
CA SER A 88 -3.83 -11.08 5.56
C SER A 88 -3.93 -12.54 5.15
N THR A 89 -3.75 -13.42 6.13
CA THR A 89 -4.09 -14.84 6.00
C THR A 89 -4.70 -15.32 7.31
N GLN A 90 -4.14 -16.38 7.87
CA GLN A 90 -4.70 -17.00 9.07
C GLN A 90 -3.77 -16.79 10.27
N ALA A 91 -4.35 -16.72 11.47
CA ALA A 91 -3.58 -16.56 12.72
C ALA A 91 -2.49 -17.63 12.91
N ASN A 92 -2.66 -18.78 12.26
CA ASN A 92 -1.66 -19.84 12.26
C ASN A 92 -0.25 -19.37 11.91
N VAL A 93 -0.14 -18.42 10.97
CA VAL A 93 1.18 -17.96 10.52
C VAL A 93 1.94 -17.34 11.68
N LEU A 94 1.19 -16.82 12.64
CA LEU A 94 1.77 -16.15 13.80
C LEU A 94 2.64 -17.12 14.63
N SER A 95 2.42 -18.42 14.44
CA SER A 95 3.21 -19.42 15.13
C SER A 95 4.67 -19.40 14.67
N GLU A 96 4.90 -18.97 13.43
CA GLU A 96 6.22 -19.14 12.83
C GLU A 96 6.94 -17.84 12.41
N VAL A 97 6.32 -16.68 12.62
CA VAL A 97 7.01 -15.42 12.37
C VAL A 97 8.26 -15.37 13.25
N ALA A 98 9.38 -14.91 12.69
CA ALA A 98 10.69 -15.09 13.32
C ALA A 98 10.94 -14.41 14.68
N ASP A 99 10.23 -13.31 14.96
CA ASP A 99 10.41 -12.51 16.18
C ASP A 99 11.76 -11.81 16.28
N GLU A 100 12.83 -12.57 16.06
CA GLU A 100 14.19 -12.07 16.18
C GLU A 100 15.06 -12.76 15.14
N GLY A 101 16.19 -12.14 14.79
CA GLY A 101 17.15 -12.89 14.00
C GLY A 101 18.18 -12.15 13.17
N ILE A 102 19.12 -12.93 12.67
CA ILE A 102 20.12 -12.43 11.73
C ILE A 102 19.92 -13.19 10.43
N PHE A 103 19.68 -12.44 9.35
CA PHE A 103 19.47 -13.09 8.05
C PHE A 103 20.48 -12.59 7.05
N GLU A 104 21.06 -13.50 6.29
CA GLU A 104 21.90 -13.10 5.16
C GLU A 104 21.04 -12.97 3.91
N THR A 105 21.47 -12.10 3.01
CA THR A 105 20.83 -11.95 1.71
C THR A 105 21.92 -11.90 0.65
N VAL A 106 21.53 -11.66 -0.60
CA VAL A 106 22.50 -11.43 -1.66
C VAL A 106 22.97 -9.98 -1.58
N TYR A 107 22.25 -9.19 -0.78
CA TYR A 107 22.60 -7.80 -0.55
C TYR A 107 23.61 -7.70 0.59
N GLY A 108 23.36 -8.46 1.66
CA GLY A 108 24.26 -8.50 2.81
C GLY A 108 23.61 -9.28 3.94
N LYS A 109 24.03 -9.03 5.16
CA LYS A 109 23.34 -9.60 6.32
C LYS A 109 22.78 -8.49 7.20
N PHE A 110 21.62 -8.77 7.79
CA PHE A 110 20.89 -7.78 8.59
C PHE A 110 20.36 -8.39 9.88
N HIS A 111 20.27 -7.56 10.91
CA HIS A 111 19.61 -7.97 12.15
C HIS A 111 18.17 -7.45 12.20
N ILE A 112 17.22 -8.35 12.06
CA ILE A 112 15.80 -8.03 12.16
C ILE A 112 15.29 -8.25 13.59
N MET A 113 14.65 -7.24 14.16
CA MET A 113 13.94 -7.37 15.44
C MET A 113 12.54 -6.79 15.28
N ILE A 114 11.53 -7.57 15.65
CA ILE A 114 10.14 -7.11 15.62
C ILE A 114 9.93 -6.05 16.70
N GLU A 115 9.42 -4.89 16.31
CA GLU A 115 9.16 -3.79 17.24
C GLU A 115 7.70 -3.76 17.64
N SER A 116 6.81 -4.02 16.68
CA SER A 116 5.37 -3.94 16.95
C SER A 116 4.54 -4.99 16.23
N ILE A 117 3.43 -5.37 16.84
CA ILE A 117 2.44 -6.22 16.19
C ILE A 117 1.03 -5.66 16.32
N GLU A 118 0.33 -5.56 15.19
CA GLU A 118 -1.07 -5.15 15.22
C GLU A 118 -1.96 -6.12 14.45
N ILE A 119 -2.94 -6.72 15.12
CA ILE A 119 -3.88 -7.59 14.44
C ILE A 119 -5.30 -7.07 14.62
N VAL A 120 -6.09 -7.04 13.55
CA VAL A 120 -7.49 -6.62 13.66
C VAL A 120 -8.38 -7.36 12.67
N GLU A 121 -9.65 -7.56 13.00
CA GLU A 121 -10.59 -8.15 12.04
C GLU A 121 -11.29 -7.07 11.22
N VAL A 122 -11.58 -7.37 9.97
CA VAL A 122 -12.16 -6.40 9.04
C VAL A 122 -13.51 -5.87 9.52
N GLU A 123 -14.30 -6.72 10.16
CA GLU A 123 -15.61 -6.31 10.66
C GLU A 123 -15.46 -5.38 11.86
N LYS A 124 -14.37 -5.54 12.60
CA LYS A 124 -14.09 -4.65 13.72
C LYS A 124 -13.78 -3.23 13.24
N LEU A 125 -13.39 -3.11 11.98
CA LEU A 125 -13.07 -1.81 11.42
C LEU A 125 -14.31 -0.93 11.32
N LYS A 126 -15.43 -1.53 10.95
CA LYS A 126 -16.68 -0.80 10.75
C LYS A 126 -17.08 0.00 12.00
N GLU A 127 -16.78 -0.56 13.16
CA GLU A 127 -17.00 0.11 14.43
C GLU A 127 -16.23 1.42 14.46
N GLU A 128 -14.99 1.38 13.98
CA GLU A 128 -14.14 2.56 13.92
C GLU A 128 -14.67 3.53 12.86
N VAL A 129 -15.23 2.97 11.80
CA VAL A 129 -15.82 3.76 10.72
C VAL A 129 -16.94 4.63 11.26
N GLU A 130 -17.72 4.10 12.18
CA GLU A 130 -18.89 4.82 12.66
C GLU A 130 -18.59 6.13 13.41
N LYS A 131 -17.46 6.21 14.10
CA LYS A 131 -17.18 7.38 14.94
C LYS A 131 -16.51 8.55 14.20
N HIS A 132 -16.41 8.43 12.89
CA HIS A 132 -15.77 9.47 12.10
C HIS A 132 -16.71 10.13 11.10
N MET A 133 -17.97 9.69 11.09
CA MET A 133 -18.94 10.19 10.12
C MET A 133 -19.18 11.71 10.17
N ASN A 134 -18.45 12.40 11.04
CA ASN A 134 -18.50 13.86 11.11
C ASN A 134 -17.10 14.47 11.23
N ASP A 135 -16.11 13.79 10.66
CA ASP A 135 -14.75 14.29 10.61
C ASP A 135 -14.35 14.48 9.14
N ASN A 136 -13.45 15.42 8.87
CA ASN A 136 -12.88 15.54 7.53
C ASN A 136 -11.82 14.46 7.32
N ILE A 137 -11.63 14.05 6.07
CA ILE A 137 -10.76 12.92 5.76
C ILE A 137 -9.48 13.40 5.09
N ARG A 138 -8.35 13.20 5.77
CA ARG A 138 -7.06 13.53 5.17
C ARG A 138 -6.31 12.26 4.77
N VAL A 139 -5.99 12.15 3.48
CA VAL A 139 -5.19 11.02 3.01
C VAL A 139 -3.78 11.47 2.69
N ARG A 140 -2.80 10.88 3.37
CA ARG A 140 -1.42 11.30 3.22
C ARG A 140 -0.56 10.20 2.61
N PHE A 141 -0.12 10.40 1.39
CA PHE A 141 0.80 9.47 0.77
C PHE A 141 2.19 9.75 1.31
N VAL A 142 2.79 8.74 1.92
CA VAL A 142 4.12 8.87 2.49
C VAL A 142 5.07 7.99 1.69
N SER A 143 4.57 7.53 0.54
CA SER A 143 5.30 6.67 -0.36
C SER A 143 4.90 7.11 -1.76
N PRO A 144 5.75 6.86 -2.76
CA PRO A 144 5.32 7.13 -4.14
C PRO A 144 4.09 6.28 -4.47
N THR A 145 2.98 6.92 -4.80
CA THR A 145 1.73 6.22 -5.07
C THR A 145 1.41 6.17 -6.56
N LEU A 146 1.13 4.96 -7.05
CA LEU A 146 0.85 4.78 -8.46
C LEU A 146 -0.60 4.38 -8.71
N LEU A 147 -1.35 5.32 -9.25
CA LEU A 147 -2.74 5.12 -9.57
C LEU A 147 -2.96 5.27 -11.07
N SER A 148 -3.46 4.23 -11.71
CA SER A 148 -3.84 4.30 -13.12
C SER A 148 -5.19 5.01 -13.28
N SER A 149 -5.35 5.78 -14.34
CA SER A 149 -6.58 6.54 -14.54
C SER A 149 -7.66 5.64 -15.13
N LYS A 150 -7.21 4.66 -15.91
CA LYS A 150 -8.08 3.75 -16.64
C LYS A 150 -8.96 2.86 -15.79
N VAL A 151 -8.59 2.69 -14.51
CA VAL A 151 -9.43 1.89 -13.63
C VAL A 151 -10.78 2.59 -13.46
N LEU A 152 -10.85 3.86 -13.86
CA LEU A 152 -12.12 4.59 -13.86
C LEU A 152 -12.81 4.67 -15.23
N LEU A 153 -12.26 3.99 -16.23
CA LEU A 153 -12.91 3.91 -17.55
C LEU A 153 -14.15 3.02 -17.46
N PRO A 154 -15.22 3.37 -18.20
CA PRO A 154 -16.43 2.52 -18.28
C PRO A 154 -16.09 1.08 -18.66
N PRO A 155 -16.47 0.12 -17.80
CA PRO A 155 -16.10 -1.29 -17.93
C PRO A 155 -16.37 -1.83 -19.32
N SER A 156 -17.57 -1.57 -19.82
CA SER A 156 -17.97 -1.95 -21.17
C SER A 156 -16.91 -1.52 -22.19
N LEU A 157 -16.77 -0.21 -22.33
CA LEU A 157 -15.93 0.44 -23.32
C LEU A 157 -14.43 0.09 -23.19
N SER A 158 -14.07 -0.56 -22.08
CA SER A 158 -12.68 -0.91 -21.77
C SER A 158 -11.96 -1.70 -22.85
N GLU A 159 -12.70 -2.34 -23.73
CA GLU A 159 -12.10 -3.07 -24.83
C GLU A 159 -11.54 -2.10 -25.85
N ARG A 160 -12.39 -1.17 -26.28
CA ARG A 160 -12.06 -0.25 -27.36
C ARG A 160 -10.74 0.48 -27.11
N TYR A 161 -10.66 1.17 -25.98
CA TYR A 161 -9.47 1.92 -25.63
C TYR A 161 -8.41 1.10 -24.91
N LYS A 162 -8.51 -0.23 -24.95
CA LYS A 162 -7.50 -1.07 -24.30
C LYS A 162 -6.15 -0.99 -25.02
N LYS A 163 -6.07 -0.15 -26.05
CA LYS A 163 -4.86 -0.01 -26.84
C LYS A 163 -3.85 0.97 -26.24
N ILE A 164 -4.32 2.14 -25.81
CA ILE A 164 -3.42 3.20 -25.37
C ILE A 164 -3.24 3.26 -23.84
N HIS A 165 -2.02 3.54 -23.40
CA HIS A 165 -1.68 3.57 -21.97
C HIS A 165 -1.76 4.99 -21.39
N ALA A 166 -2.70 5.21 -20.47
CA ALA A 166 -2.90 6.51 -19.84
C ALA A 166 -1.90 6.80 -18.73
N GLY A 167 -1.12 5.79 -18.34
CA GLY A 167 -0.12 5.94 -17.30
C GLY A 167 -0.71 6.12 -15.91
N TYR A 168 0.02 6.84 -15.06
CA TYR A 168 -0.40 7.06 -13.68
C TYR A 168 -0.82 8.49 -13.39
N SER A 169 -2.06 8.65 -12.92
CA SER A 169 -2.59 9.97 -12.59
C SER A 169 -1.78 10.67 -11.51
N THR A 170 -0.75 11.41 -11.91
CA THR A 170 0.06 12.19 -10.97
C THR A 170 -0.81 13.21 -10.24
N LEU A 171 -2.02 13.40 -10.74
CA LEU A 171 -3.04 14.19 -10.07
C LEU A 171 -4.29 13.31 -9.98
N PRO A 172 -4.51 12.69 -8.81
CA PRO A 172 -5.58 11.72 -8.60
C PRO A 172 -6.90 12.34 -8.10
N SER A 173 -8.02 11.86 -8.62
CA SER A 173 -9.32 12.28 -8.13
C SER A 173 -9.72 11.39 -6.96
N VAL A 174 -10.53 11.93 -6.05
CA VAL A 174 -10.99 11.17 -4.89
C VAL A 174 -11.61 9.83 -5.32
N GLY A 175 -12.40 9.89 -6.38
CA GLY A 175 -13.01 8.70 -6.95
C GLY A 175 -12.01 7.62 -7.29
N LEU A 176 -10.86 8.00 -7.83
CA LEU A 176 -9.85 7.03 -8.23
C LEU A 176 -9.33 6.27 -7.02
N ILE A 177 -9.01 7.00 -5.97
CA ILE A 177 -8.48 6.39 -4.75
C ILE A 177 -9.51 5.49 -4.05
N VAL A 178 -10.75 5.97 -3.90
CA VAL A 178 -11.74 5.15 -3.22
C VAL A 178 -12.16 3.95 -4.08
N ALA A 179 -12.01 4.08 -5.40
CA ALA A 179 -12.21 2.96 -6.30
C ALA A 179 -11.16 1.90 -6.03
N TYR A 180 -9.90 2.33 -5.94
CA TYR A 180 -8.82 1.39 -5.62
C TYR A 180 -9.03 0.70 -4.26
N ALA A 181 -9.40 1.49 -3.25
CA ALA A 181 -9.62 0.95 -1.90
C ALA A 181 -10.77 -0.03 -1.88
N TYR A 182 -11.78 0.23 -2.71
CA TYR A 182 -12.89 -0.68 -2.89
C TYR A 182 -12.43 -1.95 -3.58
N ASN A 183 -11.46 -1.81 -4.47
CA ASN A 183 -10.87 -2.98 -5.14
C ASN A 183 -10.15 -3.90 -4.16
N VAL A 184 -9.22 -3.35 -3.37
CA VAL A 184 -8.51 -4.17 -2.38
C VAL A 184 -9.45 -4.71 -1.31
N TYR A 185 -10.42 -3.89 -0.89
CA TYR A 185 -11.40 -4.34 0.08
C TYR A 185 -12.20 -5.50 -0.48
N CYS A 186 -12.55 -5.43 -1.76
CA CYS A 186 -13.30 -6.50 -2.41
C CYS A 186 -12.49 -7.80 -2.53
N ASN A 187 -11.30 -7.71 -3.13
CA ASN A 187 -10.44 -8.88 -3.30
C ASN A 187 -10.01 -9.48 -1.96
N LEU A 188 -10.10 -8.68 -0.90
CA LEU A 188 -9.84 -9.14 0.45
C LEU A 188 -10.94 -10.11 0.90
N ILE A 189 -12.14 -9.57 1.10
CA ILE A 189 -13.26 -10.34 1.64
C ILE A 189 -13.86 -11.32 0.64
N GLY A 190 -13.13 -11.58 -0.44
CA GLY A 190 -13.60 -12.48 -1.47
C GLY A 190 -14.87 -12.01 -2.14
N LYS A 191 -14.72 -11.07 -3.07
CA LYS A 191 -15.87 -10.50 -3.76
C LYS A 191 -15.54 -10.26 -5.23
N LYS A 192 -15.66 -11.31 -6.03
CA LYS A 192 -15.28 -11.25 -7.44
C LYS A 192 -16.20 -10.34 -8.24
N GLU A 193 -15.74 -9.93 -9.42
CA GLU A 193 -16.45 -9.02 -10.32
C GLU A 193 -16.91 -7.75 -9.63
N VAL A 194 -16.04 -6.74 -9.61
CA VAL A 194 -16.33 -5.50 -8.90
C VAL A 194 -16.14 -4.27 -9.82
N GLU A 195 -15.29 -4.41 -10.84
CA GLU A 195 -14.86 -3.29 -11.67
C GLU A 195 -15.99 -2.38 -12.16
N VAL A 196 -17.16 -2.95 -12.34
CA VAL A 196 -18.34 -2.16 -12.70
C VAL A 196 -18.82 -1.36 -11.49
N ARG A 197 -18.96 -2.05 -10.36
CA ARG A 197 -19.33 -1.41 -9.10
C ARG A 197 -18.24 -0.44 -8.65
N ALA A 198 -16.99 -0.83 -8.88
CA ALA A 198 -15.83 0.00 -8.55
C ALA A 198 -15.91 1.30 -9.34
N PHE A 199 -16.02 1.16 -10.66
CA PHE A 199 -16.28 2.25 -11.60
C PHE A 199 -17.36 3.19 -11.09
N LYS A 200 -18.58 2.67 -11.04
CA LYS A 200 -19.77 3.44 -10.69
C LYS A 200 -19.59 4.16 -9.36
N PHE A 201 -19.00 3.47 -8.40
CA PHE A 201 -18.73 4.06 -7.09
C PHE A 201 -17.73 5.21 -7.17
N GLY A 202 -16.70 5.07 -8.01
CA GLY A 202 -15.68 6.09 -8.14
C GLY A 202 -16.23 7.36 -8.77
N ILE A 203 -16.91 7.18 -9.90
CA ILE A 203 -17.56 8.29 -10.58
C ILE A 203 -18.51 8.98 -9.61
N LEU A 204 -19.37 8.19 -8.96
CA LEU A 204 -20.30 8.69 -7.96
C LEU A 204 -19.58 9.47 -6.88
N SER A 205 -18.37 9.04 -6.55
CA SER A 205 -17.60 9.65 -5.47
C SER A 205 -17.05 11.01 -5.84
N ASN A 206 -16.16 11.08 -6.82
CA ASN A 206 -15.59 12.38 -7.18
C ASN A 206 -16.63 13.33 -7.78
N ALA A 207 -17.78 12.80 -8.15
CA ALA A 207 -18.88 13.64 -8.62
C ALA A 207 -19.48 14.50 -7.50
N LEU A 208 -19.61 13.93 -6.30
CA LEU A 208 -20.25 14.67 -5.21
C LEU A 208 -19.45 14.74 -3.91
N SER A 209 -18.14 14.80 -4.03
CA SER A 209 -17.26 14.98 -2.87
C SER A 209 -16.51 16.30 -3.01
N ARG A 210 -16.24 16.95 -1.89
CA ARG A 210 -15.54 18.23 -1.93
C ARG A 210 -14.12 18.17 -1.37
N ILE A 211 -13.15 18.48 -2.21
CA ILE A 211 -11.77 18.63 -1.75
C ILE A 211 -11.71 19.85 -0.84
N ILE A 212 -11.22 19.65 0.39
CA ILE A 212 -11.14 20.73 1.36
C ILE A 212 -9.84 21.50 1.22
N GLY A 213 -8.73 20.77 1.17
CA GLY A 213 -7.44 21.37 0.95
C GLY A 213 -6.53 20.32 0.37
N TYR A 214 -5.35 20.73 -0.11
CA TYR A 214 -4.42 19.75 -0.66
C TYR A 214 -3.01 20.27 -0.88
N ASP A 215 -2.09 19.32 -0.87
CA ASP A 215 -0.75 19.51 -1.41
C ASP A 215 -0.33 18.20 -2.06
N LEU A 216 -0.22 18.20 -3.37
CA LEU A 216 0.29 17.04 -4.10
C LEU A 216 1.46 17.47 -4.97
N HIS A 217 2.28 16.51 -5.36
CA HIS A 217 3.32 16.75 -6.34
C HIS A 217 3.80 15.42 -6.92
N PRO A 218 3.92 15.38 -8.27
CA PRO A 218 4.37 14.20 -9.00
C PRO A 218 5.81 13.85 -8.64
N VAL A 219 6.13 12.56 -8.66
CA VAL A 219 7.46 12.11 -8.28
C VAL A 219 7.93 11.02 -9.23
N THR A 220 9.22 11.05 -9.56
CA THR A 220 9.81 10.03 -10.43
C THR A 220 10.66 9.08 -9.60
N VAL A 221 10.29 7.81 -9.55
CA VAL A 221 11.04 6.85 -8.73
C VAL A 221 11.46 5.60 -9.50
N ALA A 222 12.62 5.06 -9.13
CA ALA A 222 13.07 3.80 -9.67
C ALA A 222 12.31 2.64 -9.03
N ILE A 223 11.78 1.73 -9.86
CA ILE A 223 11.10 0.54 -9.35
C ILE A 223 11.90 -0.73 -9.65
N GLY A 224 13.18 -0.56 -9.99
CA GLY A 224 14.09 -1.68 -10.12
C GLY A 224 14.63 -1.88 -11.52
N GLU A 225 15.90 -2.26 -11.62
CA GLU A 225 16.46 -2.55 -12.92
C GLU A 225 15.84 -3.83 -13.48
N ASP A 226 15.77 -3.92 -14.80
CA ASP A 226 15.29 -5.12 -15.47
C ASP A 226 16.32 -6.23 -15.29
N SER A 227 16.19 -7.29 -16.08
CA SER A 227 17.27 -8.27 -16.19
C SER A 227 18.21 -7.78 -17.29
N LYS A 228 17.62 -7.38 -18.41
CA LYS A 228 18.33 -6.94 -19.60
C LYS A 228 19.07 -5.61 -19.38
N GLY A 229 18.76 -4.94 -18.28
CA GLY A 229 19.53 -3.79 -17.86
C GLY A 229 18.78 -2.49 -17.73
N ASN A 230 17.47 -2.49 -17.99
CA ASN A 230 16.74 -1.24 -17.91
C ASN A 230 16.38 -0.88 -16.47
N LEU A 231 16.88 0.28 -16.01
CA LEU A 231 16.51 0.81 -14.71
C LEU A 231 15.14 1.44 -14.86
N ARG A 232 14.11 0.68 -14.50
CA ARG A 232 12.73 1.13 -14.65
C ARG A 232 12.49 2.35 -13.75
N LYS A 233 11.96 3.42 -14.33
CA LYS A 233 11.54 4.56 -13.54
C LYS A 233 10.03 4.73 -13.77
N ALA A 234 9.39 5.54 -12.93
CA ALA A 234 7.95 5.77 -13.09
C ALA A 234 7.46 7.06 -12.43
N ARG A 235 6.32 7.55 -12.91
CA ARG A 235 5.68 8.76 -12.40
C ARG A 235 4.56 8.42 -11.44
N GLY A 236 4.53 9.08 -10.29
CA GLY A 236 3.50 8.87 -9.30
C GLY A 236 3.18 10.16 -8.58
N VAL A 237 2.49 10.08 -7.45
CA VAL A 237 2.10 11.28 -6.73
C VAL A 237 2.36 11.16 -5.22
N MET A 238 2.97 12.19 -4.64
CA MET A 238 3.16 12.25 -3.19
C MET A 238 2.47 13.48 -2.61
N GLY A 239 2.28 13.45 -1.30
CA GLY A 239 1.71 14.57 -0.57
C GLY A 239 0.41 14.18 0.09
N TRP A 240 -0.31 15.14 0.62
CA TRP A 240 -1.59 14.85 1.26
C TRP A 240 -2.76 15.55 0.55
N ILE A 241 -3.96 14.99 0.74
CA ILE A 241 -5.18 15.59 0.20
C ILE A 241 -6.31 15.41 1.18
N GLU A 242 -6.94 16.51 1.58
CA GLU A 242 -8.02 16.44 2.53
C GLU A 242 -9.34 16.85 1.93
N PHE A 243 -10.34 16.01 2.15
CA PHE A 243 -11.65 16.20 1.56
C PHE A 243 -12.75 15.67 2.47
N ASP A 244 -13.98 15.71 1.95
CA ASP A 244 -15.15 15.23 2.69
C ASP A 244 -16.22 14.74 1.73
N ILE A 245 -17.09 13.85 2.20
CA ILE A 245 -18.24 13.42 1.42
C ILE A 245 -19.51 13.63 2.23
N PRO A 246 -20.48 14.35 1.66
CA PRO A 246 -21.70 14.72 2.37
C PRO A 246 -22.77 13.62 2.43
N ASP A 247 -22.87 12.79 1.41
CA ASP A 247 -23.79 11.65 1.43
C ASP A 247 -23.35 10.63 2.48
N GLU A 248 -24.23 10.33 3.43
CA GLU A 248 -23.94 9.41 4.52
C GLU A 248 -23.47 8.03 4.03
N ARG A 249 -24.22 7.47 3.09
CA ARG A 249 -23.92 6.14 2.56
C ARG A 249 -22.52 6.05 2.01
N LEU A 250 -22.26 6.83 0.96
CA LEU A 250 -20.98 6.83 0.28
C LEU A 250 -19.83 7.13 1.24
N LYS A 251 -20.07 7.96 2.24
CA LYS A 251 -19.06 8.21 3.26
C LYS A 251 -18.75 6.94 4.05
N ARG A 252 -19.77 6.35 4.66
CA ARG A 252 -19.58 5.12 5.45
C ARG A 252 -18.82 4.05 4.65
N ARG A 253 -19.23 3.85 3.40
CA ARG A 253 -18.54 2.90 2.52
C ARG A 253 -17.06 3.27 2.32
N ALA A 254 -16.83 4.52 1.90
CA ALA A 254 -15.48 4.99 1.61
C ALA A 254 -14.54 4.92 2.83
N LEU A 255 -15.03 5.31 3.99
CA LEU A 255 -14.28 5.18 5.23
C LEU A 255 -13.96 3.70 5.47
N ASN A 256 -14.94 2.84 5.23
CA ASN A 256 -14.73 1.41 5.41
C ASN A 256 -13.70 0.81 4.45
N TYR A 257 -13.47 1.46 3.31
CA TYR A 257 -12.45 0.99 2.36
C TYR A 257 -11.08 1.61 2.64
N LEU A 258 -11.12 2.87 3.05
CA LEU A 258 -9.93 3.65 3.37
C LEU A 258 -9.20 3.09 4.57
N LEU A 259 -9.96 2.65 5.57
CA LEU A 259 -9.36 2.03 6.74
C LEU A 259 -8.53 0.82 6.32
N THR A 260 -9.10 0.00 5.44
CA THR A 260 -8.41 -1.14 4.87
C THR A 260 -7.13 -0.69 4.17
N SER A 261 -7.23 0.37 3.39
CA SER A 261 -6.04 0.86 2.71
C SER A 261 -4.97 1.43 3.66
N SER A 262 -5.38 1.85 4.85
CA SER A 262 -4.45 2.33 5.87
C SER A 262 -3.55 1.20 6.39
N TYR A 263 -3.84 -0.02 5.95
CA TYR A 263 -3.00 -1.14 6.27
C TYR A 263 -2.40 -1.69 5.00
N LEU A 264 -3.25 -2.14 4.10
CA LEU A 264 -2.80 -2.83 2.91
C LEU A 264 -2.27 -1.88 1.84
N GLY A 265 -2.46 -0.58 2.04
CA GLY A 265 -1.91 0.40 1.11
C GLY A 265 -2.86 0.68 -0.04
N ILE A 266 -2.42 1.52 -0.98
CA ILE A 266 -3.32 1.95 -2.06
C ILE A 266 -2.74 1.86 -3.47
N GLY A 267 -3.60 1.45 -4.40
CA GLY A 267 -3.22 1.32 -5.79
C GLY A 267 -2.38 0.10 -6.06
N ARG A 268 -1.21 0.33 -6.66
CA ARG A 268 -0.29 -0.72 -7.03
C ARG A 268 0.98 -0.03 -7.46
N SER A 269 2.13 -0.71 -7.42
CA SER A 269 2.22 -2.03 -6.83
C SER A 269 2.63 -1.91 -5.37
N ARG A 270 1.75 -2.39 -4.49
CA ARG A 270 1.96 -2.28 -3.07
C ARG A 270 2.86 -3.41 -2.56
N GLY A 271 3.13 -4.37 -3.44
CA GLY A 271 3.98 -5.50 -3.11
C GLY A 271 5.45 -5.09 -2.99
N ILE A 272 5.71 -3.80 -3.15
CA ILE A 272 7.07 -3.26 -3.07
C ILE A 272 7.16 -1.90 -2.39
N GLY A 273 6.20 -1.60 -1.51
CA GLY A 273 6.28 -0.41 -0.69
C GLY A 273 5.57 0.82 -1.23
N PHE A 274 5.07 0.73 -2.46
CA PHE A 274 4.39 1.85 -3.08
C PHE A 274 2.93 1.96 -2.63
N GLY A 275 2.50 3.19 -2.33
CA GLY A 275 1.11 3.43 -1.96
C GLY A 275 0.88 3.49 -0.47
N GLU A 276 1.97 3.50 0.29
CA GLU A 276 1.86 3.57 1.74
C GLU A 276 1.20 4.88 2.15
N ILE A 277 0.11 4.79 2.91
CA ILE A 277 -0.58 6.00 3.34
C ILE A 277 -0.86 6.07 4.84
N ARG A 278 -0.99 7.30 5.33
CA ARG A 278 -1.52 7.55 6.66
C ARG A 278 -2.89 8.19 6.49
N LEU A 279 -3.81 7.83 7.36
CA LEU A 279 -5.17 8.36 7.30
C LEU A 279 -5.43 9.21 8.54
N GLU A 280 -5.74 10.49 8.34
CA GLU A 280 -5.94 11.38 9.47
C GLU A 280 -7.33 11.99 9.45
N PHE A 281 -7.78 12.47 10.60
CA PHE A 281 -9.14 13.00 10.72
C PHE A 281 -9.15 14.31 11.48
N ARG A 282 -10.06 15.20 11.09
CA ARG A 282 -10.24 16.44 11.83
C ARG A 282 -11.71 16.84 11.91
N LYS A 283 -12.04 17.58 12.95
CA LYS A 283 -13.42 17.96 13.24
C LYS A 283 -13.85 19.17 12.42
N ILE A 284 -15.07 19.65 12.66
CA ILE A 284 -15.59 20.80 11.93
C ILE A 284 -15.98 21.93 12.89
#